data_6XPF
#
_entry.id   6XPF
#
_cell.length_a   1.00
_cell.length_b   1.00
_cell.length_c   1.00
_cell.angle_alpha   90.00
_cell.angle_beta   90.00
_cell.angle_gamma   90.00
#
_symmetry.space_group_name_H-M   'P 1'
#
loop_
_entity.id
_entity.type
_entity.pdbx_description
1 polymer 'Zinc transporter 8'
2 non-polymer 'ZINC ION'
#
_entity_poly.entity_id   1
_entity_poly.type   'polypeptide(L)'
_entity_poly.pdbx_seq_one_letter_code
;MYHCHSGSKPTEKGANEYAYAKWKLCSASAICFIFMIAEVVGGHIAGSLAVVTDAAHLLIDLTSFLLSLFSLWLSSKPPS
KRLTFGWHRAEILGALLSILCIWVVTGVLVYLACERLLYPDYQIQATVMIIVSSCAVAANIVLTVVLHQRCLGHNHKEVQ
ANASVRAAFVHALGDLFQSISVLISALIIYFKPEYKIADPICTFIFSILVLASTITILKDFSILLMEGVPKSLNYSGVKE
LILAVDGVLSVHSLHIWSLTMNQVILSAHVATAASRDSQVVRREIAKALSKSFTMHSLTIQMESPVDQDPDCLFCEDPCD
;
_entity_poly.pdbx_strand_id   A,B
#
loop_
_chem_comp.id
_chem_comp.type
_chem_comp.name
_chem_comp.formula
ZN non-polymer 'ZINC ION' 'Zn 2'
#
# COMPACT_ATOMS: atom_id res chain seq x y z
N HIS A 3 -13.70 24.91 -20.01
CA HIS A 3 -12.58 24.39 -20.79
C HIS A 3 -11.96 23.19 -20.08
N CYS A 4 -12.59 22.02 -20.25
CA CYS A 4 -12.08 20.73 -19.80
C CYS A 4 -11.41 20.83 -18.42
N HIS A 5 -11.99 21.65 -17.55
CA HIS A 5 -11.45 21.86 -16.21
C HIS A 5 -12.56 22.23 -15.24
N GLU A 17 2.39 30.97 2.54
CA GLU A 17 1.70 30.18 3.55
C GLU A 17 2.35 28.81 3.68
N TYR A 18 2.89 28.32 2.56
CA TYR A 18 3.61 27.04 2.56
C TYR A 18 4.57 26.95 3.73
N ALA A 19 5.28 28.04 4.01
CA ALA A 19 6.10 28.12 5.21
C ALA A 19 5.25 27.91 6.46
N TYR A 20 4.19 28.72 6.61
CA TYR A 20 3.31 28.56 7.77
C TYR A 20 2.59 27.21 7.72
N ALA A 21 2.16 26.81 6.53
CA ALA A 21 1.64 25.45 6.36
C ALA A 21 2.65 24.42 6.86
N LYS A 22 3.93 24.65 6.57
CA LYS A 22 4.99 23.81 7.10
C LYS A 22 5.22 24.12 8.56
N TRP A 23 5.49 25.39 8.88
CA TRP A 23 5.93 25.75 10.23
C TRP A 23 4.90 25.37 11.29
N LYS A 24 3.68 25.93 11.23
CA LYS A 24 2.71 25.69 12.29
C LYS A 24 2.35 24.22 12.43
N LEU A 25 2.78 23.39 11.47
CA LEU A 25 2.56 21.95 11.55
C LEU A 25 3.86 21.18 11.81
N CYS A 26 4.99 21.63 11.24
CA CYS A 26 6.26 21.01 11.59
C CYS A 26 6.63 21.32 13.03
N SER A 27 6.42 22.58 13.45
CA SER A 27 6.67 22.94 14.84
C SER A 27 5.72 22.21 15.78
N ALA A 28 4.45 22.09 15.39
CA ALA A 28 3.50 21.34 16.20
C ALA A 28 3.91 19.87 16.31
N SER A 29 4.36 19.30 15.19
CA SER A 29 4.86 17.93 15.24
C SER A 29 6.10 17.81 16.11
N ALA A 30 6.92 18.86 16.14
CA ALA A 30 8.08 18.84 17.02
C ALA A 30 7.67 18.91 18.49
N ILE A 31 6.62 19.68 18.78
CA ILE A 31 6.06 19.68 20.14
C ILE A 31 5.59 18.29 20.51
N CYS A 32 4.91 17.61 19.60
CA CYS A 32 4.49 16.24 19.88
C CYS A 32 5.70 15.32 19.99
N PHE A 33 6.77 15.62 19.25
CA PHE A 33 8.00 14.85 19.32
C PHE A 33 8.60 14.92 20.71
N ILE A 34 8.73 16.14 21.25
CA ILE A 34 9.31 16.27 22.58
C ILE A 34 8.34 15.75 23.65
N PHE A 35 7.05 15.82 23.38
CA PHE A 35 6.07 15.13 24.23
C PHE A 35 6.42 13.64 24.35
N MET A 36 6.53 12.98 23.20
CA MET A 36 7.01 11.61 23.14
C MET A 36 8.34 11.45 23.86
N ILE A 37 9.26 12.39 23.65
CA ILE A 37 10.60 12.29 24.21
C ILE A 37 10.52 12.23 25.73
N ALA A 38 9.71 13.11 26.32
CA ALA A 38 9.54 13.11 27.77
C ALA A 38 8.92 11.81 28.24
N GLU A 39 7.78 11.45 27.66
CA GLU A 39 7.09 10.25 28.15
C GLU A 39 7.90 8.98 27.91
N VAL A 40 8.90 9.02 27.03
CA VAL A 40 9.70 7.82 26.80
C VAL A 40 10.98 7.83 27.63
N VAL A 41 11.57 9.00 27.91
CA VAL A 41 12.69 9.02 28.83
C VAL A 41 12.22 8.64 30.21
N GLY A 42 10.96 8.94 30.54
CA GLY A 42 10.36 8.30 31.69
C GLY A 42 10.01 6.85 31.47
N GLY A 43 10.07 6.38 30.22
CA GLY A 43 9.55 5.08 29.87
C GLY A 43 10.40 3.85 30.15
N HIS A 44 11.56 3.74 29.50
CA HIS A 44 12.21 2.44 29.39
C HIS A 44 12.79 1.93 30.71
N ILE A 45 13.80 2.61 31.24
CA ILE A 45 14.46 2.08 32.43
C ILE A 45 13.52 2.14 33.63
N ALA A 46 12.74 3.20 33.73
CA ALA A 46 11.74 3.32 34.79
C ALA A 46 10.62 2.33 34.52
N GLY A 47 10.57 1.25 35.31
CA GLY A 47 9.45 0.34 35.27
C GLY A 47 9.42 -0.63 34.10
N SER A 48 9.38 -0.10 32.87
CA SER A 48 9.29 -0.87 31.63
C SER A 48 8.05 -1.74 31.56
N LEU A 49 6.96 -1.39 32.24
CA LEU A 49 5.81 -2.29 32.33
C LEU A 49 4.57 -1.74 31.65
N ALA A 50 4.12 -0.53 32.00
CA ALA A 50 2.83 -0.02 31.56
C ALA A 50 2.95 1.25 30.72
N VAL A 51 3.71 2.23 31.21
CA VAL A 51 3.74 3.57 30.63
C VAL A 51 3.90 3.54 29.12
N VAL A 52 4.64 2.57 28.60
CA VAL A 52 4.92 2.50 27.17
C VAL A 52 3.65 2.40 26.33
N THR A 53 2.52 2.10 26.96
CA THR A 53 1.24 2.01 26.27
C THR A 53 0.95 3.24 25.43
N ASP A 54 0.82 4.40 26.07
CA ASP A 54 0.47 5.61 25.33
C ASP A 54 1.61 6.03 24.41
N ALA A 55 2.84 5.66 24.75
CA ALA A 55 4.01 6.04 23.97
C ALA A 55 3.77 5.88 22.48
N ALA A 56 3.42 4.66 22.06
CA ALA A 56 3.07 4.42 20.67
C ALA A 56 1.96 5.37 20.22
N HIS A 57 0.83 5.36 20.92
CA HIS A 57 -0.29 6.21 20.55
C HIS A 57 0.16 7.65 20.29
N LEU A 58 0.87 8.25 21.25
CA LEU A 58 1.48 9.54 21.00
C LEU A 58 2.40 9.47 19.77
N LEU A 59 3.21 8.42 19.69
CA LEU A 59 4.14 8.31 18.57
C LEU A 59 3.40 8.10 17.26
N ILE A 60 2.30 7.34 17.28
CA ILE A 60 1.61 7.07 16.04
C ILE A 60 0.88 8.32 15.54
N ASP A 61 0.35 9.13 16.46
CA ASP A 61 -0.25 10.40 16.03
C ASP A 61 0.82 11.37 15.57
N LEU A 62 1.98 11.36 16.24
CA LEU A 62 3.13 12.09 15.76
C LEU A 62 3.43 11.74 14.31
N THR A 63 3.49 10.44 14.03
CA THR A 63 3.76 10.01 12.67
C THR A 63 2.63 10.37 11.72
N SER A 64 1.40 10.42 12.21
CA SER A 64 0.29 10.84 11.37
C SER A 64 0.48 12.28 10.91
N PHE A 65 0.75 13.17 11.87
CA PHE A 65 1.07 14.55 11.51
C PHE A 65 2.29 14.62 10.60
N LEU A 66 3.29 13.80 10.89
CA LEU A 66 4.49 13.73 10.07
C LEU A 66 4.16 13.42 8.62
N LEU A 67 3.35 12.38 8.41
CA LEU A 67 3.03 11.98 7.04
C LEU A 67 2.08 12.97 6.37
N SER A 68 1.26 13.68 7.14
CA SER A 68 0.43 14.71 6.52
C SER A 68 1.29 15.84 5.99
N LEU A 69 2.18 16.37 6.83
CA LEU A 69 3.10 17.40 6.35
C LEU A 69 4.02 16.84 5.27
N PHE A 70 4.35 15.55 5.36
CA PHE A 70 5.10 14.88 4.31
C PHE A 70 4.36 14.96 2.98
N SER A 71 3.06 14.63 3.00
CA SER A 71 2.24 14.70 1.80
C SER A 71 2.16 16.11 1.27
N LEU A 72 2.13 17.10 2.16
CA LEU A 72 2.20 18.49 1.69
C LEU A 72 3.51 18.75 0.97
N TRP A 73 4.62 18.33 1.58
CA TRP A 73 5.94 18.43 0.96
C TRP A 73 5.93 17.80 -0.43
N LEU A 74 5.32 16.62 -0.55
CA LEU A 74 5.18 15.98 -1.85
C LEU A 74 4.36 16.82 -2.81
N SER A 75 3.16 17.21 -2.39
CA SER A 75 2.28 18.03 -3.21
C SER A 75 2.97 19.28 -3.72
N SER A 76 3.99 19.76 -2.99
CA SER A 76 4.79 20.86 -3.51
C SER A 76 5.44 20.51 -4.83
N LYS A 77 5.67 19.23 -5.08
CA LYS A 77 6.15 18.80 -6.40
C LYS A 77 4.96 18.50 -7.30
N PRO A 78 4.79 19.21 -8.40
CA PRO A 78 3.68 18.93 -9.32
C PRO A 78 3.89 17.58 -9.99
N PRO A 79 2.87 17.07 -10.71
CA PRO A 79 3.03 15.76 -11.37
C PRO A 79 4.09 15.79 -12.44
N SER A 80 4.45 14.62 -12.97
CA SER A 80 5.56 14.52 -13.91
C SER A 80 5.14 13.58 -15.04
N LYS A 81 6.13 13.19 -15.85
CA LYS A 81 5.89 12.18 -16.88
C LYS A 81 5.54 10.84 -16.25
N ARG A 82 6.41 10.34 -15.37
CA ARG A 82 6.18 9.04 -14.76
C ARG A 82 5.07 9.07 -13.73
N LEU A 83 4.74 10.24 -13.20
CA LEU A 83 3.74 10.39 -12.16
C LEU A 83 2.68 11.37 -12.66
N THR A 84 1.54 10.84 -13.08
CA THR A 84 0.53 11.67 -13.74
C THR A 84 -0.37 12.37 -12.74
N PHE A 85 -0.35 11.95 -11.47
CA PHE A 85 -1.33 12.42 -10.50
C PHE A 85 -0.68 13.01 -9.25
N GLY A 86 0.56 13.47 -9.36
CA GLY A 86 1.26 13.99 -8.20
C GLY A 86 1.64 12.90 -7.23
N TRP A 87 2.36 13.32 -6.19
CA TRP A 87 2.92 12.37 -5.24
C TRP A 87 1.91 12.05 -4.14
N HIS A 88 0.62 12.15 -4.49
CA HIS A 88 -0.45 12.06 -3.50
C HIS A 88 -0.45 10.71 -2.80
N ARG A 89 -0.67 9.62 -3.55
CA ARG A 89 -0.85 8.30 -2.95
C ARG A 89 0.33 7.87 -2.08
N ALA A 90 1.48 8.52 -2.19
CA ALA A 90 2.55 8.27 -1.23
C ALA A 90 2.07 8.55 0.19
N GLU A 91 1.07 9.41 0.34
CA GLU A 91 0.40 9.57 1.62
C GLU A 91 -0.10 8.22 2.14
N ILE A 92 -0.86 7.51 1.31
CA ILE A 92 -1.38 6.20 1.72
C ILE A 92 -0.22 5.24 1.96
N LEU A 93 0.80 5.30 1.12
CA LEU A 93 1.96 4.44 1.32
C LEU A 93 2.52 4.60 2.73
N GLY A 94 2.87 5.83 3.08
CA GLY A 94 3.36 6.10 4.42
C GLY A 94 2.36 5.72 5.50
N ALA A 95 1.07 5.92 5.23
CA ALA A 95 0.05 5.61 6.21
C ALA A 95 0.05 4.12 6.54
N LEU A 96 -0.03 3.28 5.50
CA LEU A 96 -0.04 1.85 5.73
C LEU A 96 1.28 1.36 6.31
N LEU A 97 2.39 1.98 5.93
CA LEU A 97 3.67 1.58 6.51
C LEU A 97 3.70 1.88 8.00
N SER A 98 3.26 3.08 8.38
CA SER A 98 3.14 3.41 9.80
C SER A 98 2.20 2.45 10.51
N ILE A 99 1.11 2.07 9.85
CA ILE A 99 0.19 1.10 10.41
C ILE A 99 0.91 -0.21 10.71
N LEU A 100 1.74 -0.67 9.78
CA LEU A 100 2.48 -1.89 10.00
C LEU A 100 3.48 -1.74 11.14
N CYS A 101 4.07 -0.56 11.28
CA CYS A 101 4.93 -0.31 12.44
C CYS A 101 4.13 -0.41 13.74
N ILE A 102 2.92 0.15 13.74
CA ILE A 102 2.05 0.01 14.91
C ILE A 102 1.78 -1.46 15.18
N TRP A 103 1.53 -2.23 14.13
CA TRP A 103 1.23 -3.64 14.31
C TRP A 103 2.42 -4.37 14.92
N VAL A 104 3.63 -4.09 14.44
CA VAL A 104 4.79 -4.82 14.94
C VAL A 104 5.12 -4.42 16.37
N VAL A 105 4.93 -3.14 16.71
CA VAL A 105 5.22 -2.73 18.08
C VAL A 105 4.18 -3.33 19.02
N THR A 106 2.91 -3.32 18.62
CA THR A 106 1.89 -4.00 19.43
C THR A 106 2.19 -5.48 19.56
N GLY A 107 2.73 -6.08 18.51
CA GLY A 107 3.09 -7.48 18.56
C GLY A 107 4.17 -7.77 19.58
N VAL A 108 5.25 -6.98 19.55
CA VAL A 108 6.30 -7.19 20.54
C VAL A 108 5.78 -6.90 21.93
N LEU A 109 4.85 -5.94 22.06
CA LEU A 109 4.26 -5.63 23.34
C LEU A 109 3.50 -6.83 23.90
N VAL A 110 2.59 -7.40 23.10
CA VAL A 110 1.82 -8.53 23.60
C VAL A 110 2.72 -9.73 23.82
N TYR A 111 3.76 -9.89 22.99
CA TYR A 111 4.74 -10.95 23.19
C TYR A 111 5.36 -10.87 24.58
N LEU A 112 5.97 -9.73 24.89
CA LEU A 112 6.60 -9.57 26.20
C LEU A 112 5.58 -9.60 27.33
N ALA A 113 4.36 -9.14 27.07
CA ALA A 113 3.36 -9.11 28.12
C ALA A 113 2.90 -10.51 28.48
N CYS A 114 2.62 -11.35 27.48
CA CYS A 114 2.24 -12.73 27.77
C CYS A 114 3.42 -13.52 28.32
N GLU A 115 4.65 -13.16 27.94
CA GLU A 115 5.81 -13.79 28.55
C GLU A 115 5.86 -13.47 30.04
N ARG A 116 5.78 -12.18 30.38
CA ARG A 116 5.74 -11.77 31.79
C ARG A 116 4.55 -12.37 32.52
N LEU A 117 3.47 -12.65 31.80
CA LEU A 117 2.33 -13.34 32.40
C LEU A 117 2.72 -14.77 32.78
N LEU A 118 3.20 -15.54 31.79
CA LEU A 118 3.64 -16.90 32.07
C LEU A 118 4.87 -16.92 32.97
N TYR A 119 5.74 -15.91 32.86
CA TYR A 119 6.96 -15.81 33.65
C TYR A 119 6.81 -14.64 34.62
N PRO A 120 6.26 -14.89 35.81
CA PRO A 120 6.01 -13.79 36.76
C PRO A 120 7.28 -13.26 37.41
N ASP A 121 8.43 -13.71 36.93
CA ASP A 121 9.73 -13.42 37.57
C ASP A 121 10.13 -11.98 37.28
N TYR A 122 9.54 -11.06 38.06
CA TYR A 122 9.91 -9.66 38.00
C TYR A 122 9.38 -8.98 39.26
N GLN A 123 9.77 -7.72 39.42
CA GLN A 123 9.38 -6.92 40.56
C GLN A 123 9.54 -5.46 40.19
N ILE A 124 8.69 -4.60 40.74
CA ILE A 124 8.65 -3.20 40.37
C ILE A 124 8.27 -2.35 41.58
N GLN A 125 8.97 -1.23 41.75
CA GLN A 125 8.53 -0.16 42.64
C GLN A 125 7.79 0.85 41.76
N ALA A 126 6.51 0.56 41.51
CA ALA A 126 5.75 1.32 40.54
C ALA A 126 5.55 2.76 40.97
N THR A 127 5.70 3.06 42.26
CA THR A 127 5.43 4.39 42.77
C THR A 127 6.28 5.44 42.06
N VAL A 128 7.60 5.26 42.09
CA VAL A 128 8.48 6.17 41.36
C VAL A 128 8.18 6.12 39.87
N MET A 129 7.64 5.00 39.40
CA MET A 129 7.19 4.92 38.01
C MET A 129 5.81 5.51 37.83
N ILE A 130 5.07 5.73 38.92
CA ILE A 130 3.74 6.32 38.82
C ILE A 130 3.85 7.82 38.55
N ILE A 131 4.65 8.52 39.36
CA ILE A 131 4.70 9.97 39.27
C ILE A 131 5.35 10.41 37.97
N VAL A 132 6.26 9.60 37.41
CA VAL A 132 6.81 9.92 36.10
C VAL A 132 5.74 9.74 35.03
N SER A 133 4.74 8.90 35.28
CA SER A 133 3.58 8.77 34.42
C SER A 133 2.39 9.57 34.91
N SER A 134 2.45 10.13 36.12
CA SER A 134 1.34 10.91 36.64
C SER A 134 1.19 12.23 35.88
N CYS A 135 2.25 13.05 35.88
CA CYS A 135 2.16 14.32 35.17
C CYS A 135 2.02 14.12 33.67
N ALA A 136 2.26 12.91 33.18
CA ALA A 136 2.08 12.62 31.76
C ALA A 136 0.64 12.85 31.34
N VAL A 137 -0.31 12.33 32.11
CA VAL A 137 -1.70 12.56 31.76
C VAL A 137 -2.09 14.00 32.08
N ALA A 138 -1.44 14.60 33.08
CA ALA A 138 -1.59 16.03 33.28
C ALA A 138 -1.13 16.80 32.05
N ALA A 139 -0.02 16.34 31.45
CA ALA A 139 0.41 16.91 30.17
C ALA A 139 -0.63 16.66 29.08
N ASN A 140 -1.43 15.60 29.21
CA ASN A 140 -2.55 15.40 28.31
C ASN A 140 -3.69 16.38 28.59
N ILE A 141 -3.70 17.03 29.73
CA ILE A 141 -4.76 17.98 30.07
C ILE A 141 -4.51 19.34 29.42
N VAL A 142 -3.28 19.85 29.52
CA VAL A 142 -2.97 21.16 28.98
C VAL A 142 -3.14 21.22 27.47
N LEU A 143 -3.01 20.09 26.78
CA LEU A 143 -3.03 20.16 25.32
C LEU A 143 -4.43 20.34 24.74
N THR A 144 -5.47 20.68 25.49
CA THR A 144 -6.78 20.93 24.88
C THR A 144 -6.83 22.33 24.28
N ALA A 161 -14.27 22.22 16.63
CA ALA A 161 -14.38 23.02 15.41
C ALA A 161 -14.53 22.12 14.19
N ASN A 162 -15.47 22.46 13.32
CA ASN A 162 -15.77 21.73 12.09
C ASN A 162 -16.17 20.28 12.34
N ALA A 163 -16.40 19.92 13.61
CA ALA A 163 -16.72 18.56 14.03
C ALA A 163 -15.53 17.62 13.85
N SER A 164 -14.45 18.13 13.27
CA SER A 164 -13.19 17.41 13.16
C SER A 164 -12.27 17.72 14.33
N VAL A 165 -12.03 19.00 14.61
CA VAL A 165 -11.33 19.39 15.82
C VAL A 165 -12.07 18.86 17.05
N ARG A 166 -13.40 18.84 16.99
CA ARG A 166 -14.18 18.16 18.02
C ARG A 166 -13.85 16.68 18.04
N ALA A 167 -13.87 16.04 16.87
CA ALA A 167 -13.43 14.64 16.78
C ALA A 167 -12.01 14.50 17.29
N ALA A 168 -11.16 15.49 17.01
CA ALA A 168 -9.84 15.52 17.62
C ALA A 168 -9.93 15.74 19.13
N PHE A 169 -10.81 16.66 19.55
CA PHE A 169 -11.07 16.80 20.98
C PHE A 169 -11.69 15.52 21.54
N VAL A 170 -12.58 14.89 20.77
CA VAL A 170 -13.05 13.56 21.12
C VAL A 170 -11.88 12.58 21.17
N HIS A 171 -11.02 12.62 20.16
CA HIS A 171 -9.77 11.87 20.20
C HIS A 171 -8.98 12.24 21.45
N ALA A 172 -8.82 13.54 21.69
CA ALA A 172 -8.19 14.00 22.92
C ALA A 172 -8.89 13.43 24.15
N LEU A 173 -10.22 13.56 24.21
CA LEU A 173 -10.96 12.92 25.28
C LEU A 173 -10.72 11.42 25.30
N GLY A 174 -10.67 10.79 24.12
CA GLY A 174 -10.36 9.37 24.06
C GLY A 174 -8.99 9.05 24.61
N ASP A 175 -7.98 9.83 24.21
CA ASP A 175 -6.63 9.63 24.73
C ASP A 175 -6.61 9.64 26.25
N LEU A 176 -7.43 10.49 26.85
CA LEU A 176 -7.48 10.57 28.31
C LEU A 176 -7.88 9.23 28.91
N PHE A 177 -9.10 8.77 28.60
CA PHE A 177 -9.64 7.50 29.07
C PHE A 177 -8.59 6.39 29.03
N GLN A 178 -7.87 6.30 27.92
CA GLN A 178 -6.75 5.37 27.84
C GLN A 178 -5.65 5.77 28.80
N SER A 179 -5.16 7.01 28.69
CA SER A 179 -3.99 7.42 29.46
C SER A 179 -4.30 7.47 30.95
N ILE A 180 -5.47 7.97 31.33
CA ILE A 180 -5.81 8.07 32.74
C ILE A 180 -5.95 6.68 33.35
N SER A 181 -6.30 5.68 32.55
CA SER A 181 -6.54 4.35 33.08
C SER A 181 -5.24 3.69 33.55
N VAL A 182 -4.11 4.04 32.94
CA VAL A 182 -2.88 3.32 33.25
C VAL A 182 -2.45 3.57 34.69
N LEU A 183 -2.68 4.78 35.20
CA LEU A 183 -2.30 5.09 36.57
C LEU A 183 -3.20 4.36 37.57
N ILE A 184 -4.50 4.67 37.53
CA ILE A 184 -5.45 4.19 38.53
C ILE A 184 -5.30 2.69 38.75
N SER A 185 -4.92 1.96 37.70
CA SER A 185 -4.56 0.55 37.87
C SER A 185 -3.39 0.40 38.84
N ALA A 186 -2.29 1.09 38.55
CA ALA A 186 -1.07 0.90 39.34
C ALA A 186 -1.16 1.46 40.75
N LEU A 187 -2.12 2.36 41.02
CA LEU A 187 -2.09 3.07 42.29
C LEU A 187 -2.45 2.16 43.45
N ILE A 188 -3.57 1.44 43.37
CA ILE A 188 -3.97 0.57 44.47
C ILE A 188 -2.93 -0.51 44.71
N ILE A 189 -2.19 -0.91 43.66
CA ILE A 189 -1.13 -1.90 43.82
C ILE A 189 -0.11 -1.44 44.85
N TYR A 190 0.19 -0.13 44.87
CA TYR A 190 1.05 0.41 45.92
C TYR A 190 0.50 0.07 47.31
N PHE A 191 -0.81 0.04 47.44
CA PHE A 191 -1.45 -0.39 48.68
C PHE A 191 -1.80 -1.87 48.66
N LYS A 192 -1.99 -2.43 47.47
CA LYS A 192 -2.43 -3.81 47.29
C LYS A 192 -1.41 -4.57 46.45
N PRO A 193 -0.32 -5.03 47.06
CA PRO A 193 0.60 -5.93 46.36
C PRO A 193 0.02 -7.31 46.12
N GLU A 194 -1.25 -7.53 46.48
CA GLU A 194 -1.81 -8.87 46.45
C GLU A 194 -1.88 -9.44 45.05
N TYR A 195 -2.43 -8.69 44.09
CA TYR A 195 -2.64 -9.19 42.74
C TYR A 195 -1.49 -8.82 41.81
N LYS A 196 -1.21 -7.52 41.67
CA LYS A 196 -0.08 -7.00 40.91
C LYS A 196 -0.27 -7.14 39.39
N ILE A 197 -1.35 -7.78 38.95
CA ILE A 197 -1.53 -8.10 37.53
C ILE A 197 -2.39 -7.07 36.80
N ALA A 198 -2.46 -5.84 37.29
CA ALA A 198 -3.20 -4.81 36.58
C ALA A 198 -2.54 -4.44 35.26
N ASP A 199 -1.21 -4.48 35.22
CA ASP A 199 -0.49 -4.08 34.01
C ASP A 199 -0.76 -4.98 32.80
N PRO A 200 -0.69 -6.32 32.89
CA PRO A 200 -0.91 -7.11 31.67
C PRO A 200 -2.29 -6.88 31.07
N ILE A 201 -3.33 -6.87 31.90
CA ILE A 201 -4.69 -6.77 31.38
C ILE A 201 -4.93 -5.40 30.77
N CYS A 202 -4.42 -4.34 31.41
CA CYS A 202 -4.64 -3.01 30.87
C CYS A 202 -3.89 -2.82 29.57
N THR A 203 -2.61 -3.20 29.55
CA THR A 203 -1.87 -3.19 28.29
C THR A 203 -2.60 -3.97 27.22
N PHE A 204 -3.19 -5.12 27.59
CA PHE A 204 -3.90 -5.95 26.63
C PHE A 204 -5.09 -5.21 26.04
N ILE A 205 -5.94 -4.65 26.90
CA ILE A 205 -7.14 -3.99 26.39
C ILE A 205 -6.76 -2.76 25.57
N PHE A 206 -5.71 -2.05 25.97
CA PHE A 206 -5.30 -0.88 25.18
C PHE A 206 -4.80 -1.32 23.82
N SER A 207 -4.04 -2.40 23.76
CA SER A 207 -3.65 -2.98 22.48
C SER A 207 -4.88 -3.31 21.65
N ILE A 208 -5.92 -3.85 22.29
CA ILE A 208 -7.15 -4.17 21.55
C ILE A 208 -7.75 -2.90 20.94
N LEU A 209 -7.87 -1.84 21.73
CA LEU A 209 -8.43 -0.60 21.22
C LEU A 209 -7.63 -0.07 20.04
N VAL A 210 -6.30 -0.02 20.20
CA VAL A 210 -5.49 0.57 19.15
C VAL A 210 -5.51 -0.30 17.90
N LEU A 211 -5.49 -1.63 18.06
CA LEU A 211 -5.54 -2.49 16.88
C LEU A 211 -6.90 -2.42 16.21
N ALA A 212 -7.97 -2.16 16.96
CA ALA A 212 -9.28 -1.99 16.34
C ALA A 212 -9.31 -0.72 15.51
N SER A 213 -8.76 0.37 16.06
CA SER A 213 -8.65 1.60 15.28
C SER A 213 -7.85 1.36 14.00
N THR A 214 -6.73 0.63 14.12
CA THR A 214 -5.96 0.27 12.93
C THR A 214 -6.80 -0.53 11.95
N ILE A 215 -7.56 -1.50 12.45
CA ILE A 215 -8.43 -2.30 11.58
C ILE A 215 -9.34 -1.40 10.78
N THR A 216 -10.03 -0.49 11.45
CA THR A 216 -10.94 0.43 10.77
C THR A 216 -10.21 1.19 9.67
N ILE A 217 -9.14 1.90 10.06
CA ILE A 217 -8.48 2.79 9.11
C ILE A 217 -7.87 2.00 7.96
N LEU A 218 -7.38 0.79 8.22
CA LEU A 218 -6.73 0.03 7.18
C LEU A 218 -7.73 -0.58 6.23
N LYS A 219 -8.89 -1.02 6.75
CA LYS A 219 -9.97 -1.42 5.86
C LYS A 219 -10.35 -0.27 4.94
N ASP A 220 -10.49 0.93 5.51
CA ASP A 220 -10.80 2.10 4.71
C ASP A 220 -9.77 2.31 3.61
N PHE A 221 -8.50 2.34 3.98
CA PHE A 221 -7.45 2.66 3.02
C PHE A 221 -7.25 1.55 1.99
N SER A 222 -7.45 0.29 2.40
CA SER A 222 -7.37 -0.82 1.45
C SER A 222 -8.48 -0.71 0.42
N ILE A 223 -9.72 -0.54 0.88
CA ILE A 223 -10.83 -0.35 -0.05
C ILE A 223 -10.56 0.83 -0.97
N LEU A 224 -9.93 1.87 -0.42
CA LEU A 224 -9.45 2.96 -1.27
C LEU A 224 -8.51 2.43 -2.34
N LEU A 225 -7.56 1.58 -1.96
CA LEU A 225 -6.71 0.92 -2.93
C LEU A 225 -7.53 -0.11 -3.70
N MET A 226 -6.85 -0.83 -4.60
CA MET A 226 -7.53 -1.58 -5.65
C MET A 226 -8.44 -0.67 -6.46
N GLU A 227 -8.11 0.61 -6.44
CA GLU A 227 -8.86 1.65 -7.14
C GLU A 227 -10.35 1.56 -6.82
N GLY A 228 -10.68 1.43 -5.54
CA GLY A 228 -12.06 1.34 -5.13
C GLY A 228 -12.75 2.69 -5.17
N VAL A 229 -14.07 2.65 -5.28
CA VAL A 229 -14.87 3.87 -5.29
C VAL A 229 -14.89 4.42 -3.87
N PRO A 230 -15.13 5.71 -3.67
CA PRO A 230 -15.16 6.25 -2.30
C PRO A 230 -16.39 5.78 -1.56
N LYS A 231 -16.23 5.51 -0.26
CA LYS A 231 -17.36 5.10 0.56
C LYS A 231 -18.43 6.17 0.61
N SER A 232 -18.04 7.44 0.57
CA SER A 232 -19.01 8.52 0.70
C SER A 232 -19.94 8.60 -0.50
N LEU A 233 -19.63 7.93 -1.59
CA LEU A 233 -20.41 8.03 -2.81
C LEU A 233 -20.87 6.64 -3.23
N ASN A 234 -21.77 6.61 -4.21
CA ASN A 234 -22.40 5.37 -4.66
C ASN A 234 -22.38 5.31 -6.17
N TYR A 235 -21.97 4.16 -6.70
CA TYR A 235 -21.97 3.95 -8.15
C TYR A 235 -23.38 4.04 -8.71
N SER A 236 -24.33 3.41 -8.04
CA SER A 236 -25.70 3.42 -8.56
C SER A 236 -26.26 4.83 -8.60
N GLY A 237 -26.01 5.61 -7.56
CA GLY A 237 -26.52 6.97 -7.54
C GLY A 237 -25.95 7.82 -8.66
N VAL A 238 -24.64 7.73 -8.88
CA VAL A 238 -24.02 8.55 -9.90
C VAL A 238 -24.45 8.11 -11.29
N LYS A 239 -24.57 6.79 -11.50
CA LYS A 239 -25.02 6.33 -12.82
C LYS A 239 -26.48 6.70 -13.05
N GLU A 240 -27.28 6.78 -11.98
CA GLU A 240 -28.63 7.30 -12.13
C GLU A 240 -28.59 8.78 -12.51
N LEU A 241 -27.71 9.55 -11.89
CA LEU A 241 -27.53 10.94 -12.29
C LEU A 241 -27.17 11.03 -13.77
N ILE A 242 -26.38 10.08 -14.26
CA ILE A 242 -26.08 10.01 -15.69
C ILE A 242 -27.35 9.76 -16.48
N LEU A 243 -28.03 8.65 -16.19
CA LEU A 243 -29.21 8.25 -16.95
C LEU A 243 -30.35 9.26 -16.85
N ALA A 244 -30.29 10.19 -15.91
CA ALA A 244 -31.35 11.17 -15.71
C ALA A 244 -31.21 12.41 -16.58
N VAL A 245 -30.53 12.31 -17.72
CA VAL A 245 -30.31 13.45 -18.59
C VAL A 245 -30.93 13.14 -19.95
N ASP A 246 -31.34 14.21 -20.65
CA ASP A 246 -31.96 14.06 -21.96
C ASP A 246 -31.01 13.39 -22.95
N GLY A 247 -29.72 13.71 -22.86
CA GLY A 247 -28.78 13.20 -23.85
C GLY A 247 -28.61 11.69 -23.80
N VAL A 248 -28.41 11.15 -22.58
CA VAL A 248 -28.03 9.76 -22.45
C VAL A 248 -29.07 8.84 -23.07
N LEU A 249 -28.58 7.81 -23.75
CA LEU A 249 -29.40 6.66 -24.13
C LEU A 249 -28.95 5.37 -23.47
N SER A 250 -27.65 5.11 -23.45
CA SER A 250 -27.11 3.95 -22.75
C SER A 250 -25.64 4.19 -22.44
N VAL A 251 -25.22 3.75 -21.27
CA VAL A 251 -23.86 3.92 -20.80
C VAL A 251 -23.24 2.56 -20.54
N HIS A 252 -21.93 2.55 -20.38
CA HIS A 252 -21.19 1.35 -19.98
C HIS A 252 -19.77 1.79 -19.64
N SER A 253 -18.92 0.81 -19.35
CA SER A 253 -17.52 1.02 -19.00
C SER A 253 -17.37 1.93 -17.80
N LEU A 254 -18.41 2.04 -16.98
CA LEU A 254 -18.39 3.00 -15.89
C LEU A 254 -17.30 2.63 -14.90
N HIS A 255 -16.21 3.38 -14.91
CA HIS A 255 -15.11 3.16 -13.99
C HIS A 255 -14.83 4.46 -13.28
N ILE A 256 -15.08 4.46 -11.97
CA ILE A 256 -14.99 5.66 -11.16
C ILE A 256 -14.38 5.26 -9.83
N TRP A 257 -13.60 6.17 -9.25
CA TRP A 257 -12.90 5.92 -8.00
C TRP A 257 -12.38 7.26 -7.51
N SER A 258 -11.75 7.24 -6.34
CA SER A 258 -11.11 8.42 -5.78
C SER A 258 -9.63 8.19 -5.65
N LEU A 259 -8.89 9.28 -5.67
CA LEU A 259 -7.51 9.28 -5.22
C LEU A 259 -7.54 9.39 -3.69
N THR A 260 -6.42 9.79 -3.10
CA THR A 260 -6.10 9.58 -1.69
C THR A 260 -7.26 9.75 -0.71
N MET A 261 -7.83 10.94 -0.61
CA MET A 261 -8.84 11.19 0.41
C MET A 261 -10.18 11.62 -0.16
N ASN A 262 -10.20 12.65 -1.01
CA ASN A 262 -11.46 13.28 -1.37
C ASN A 262 -11.50 13.72 -2.83
N GLN A 263 -10.55 13.27 -3.65
CA GLN A 263 -10.49 13.69 -5.05
C GLN A 263 -10.83 12.47 -5.91
N VAL A 264 -11.99 12.53 -6.54
CA VAL A 264 -12.53 11.40 -7.27
C VAL A 264 -12.25 11.54 -8.75
N ILE A 265 -12.20 10.41 -9.45
CA ILE A 265 -11.93 10.37 -10.88
C ILE A 265 -13.03 9.56 -11.55
N LEU A 266 -13.37 9.91 -12.79
CA LEU A 266 -14.48 9.30 -13.50
C LEU A 266 -14.09 8.90 -14.92
N SER A 267 -14.61 7.75 -15.35
CA SER A 267 -14.40 7.26 -16.71
C SER A 267 -15.55 6.34 -17.09
N ALA A 268 -16.16 6.60 -18.24
CA ALA A 268 -17.29 5.80 -18.70
C ALA A 268 -17.58 6.12 -20.16
N HIS A 269 -18.34 5.24 -20.80
CA HIS A 269 -18.81 5.44 -22.16
C HIS A 269 -20.30 5.74 -22.14
N VAL A 270 -20.79 6.28 -23.25
CA VAL A 270 -22.21 6.55 -23.42
C VAL A 270 -22.57 6.66 -24.90
N ALA A 271 -23.65 6.01 -25.30
CA ALA A 271 -24.17 6.11 -26.64
C ALA A 271 -25.50 6.85 -26.63
N THR A 272 -25.82 7.50 -27.75
CA THR A 272 -27.10 8.19 -27.90
C THR A 272 -27.36 8.40 -29.38
N ALA A 273 -28.45 9.09 -29.70
CA ALA A 273 -28.85 9.28 -31.09
C ALA A 273 -27.83 10.10 -31.85
N ALA A 274 -27.80 9.91 -33.17
CA ALA A 274 -26.88 10.66 -34.01
C ALA A 274 -27.20 12.15 -34.03
N SER A 275 -28.45 12.51 -33.72
CA SER A 275 -28.85 13.92 -33.78
C SER A 275 -28.20 14.75 -32.68
N ARG A 276 -27.76 14.13 -31.59
CA ARG A 276 -27.29 14.88 -30.44
C ARG A 276 -25.93 15.52 -30.74
N ASP A 277 -25.78 16.77 -30.33
CA ASP A 277 -24.52 17.48 -30.44
C ASP A 277 -23.59 16.99 -29.34
N SER A 278 -22.89 15.88 -29.61
CA SER A 278 -22.16 15.15 -28.58
C SER A 278 -21.30 16.09 -27.72
N GLN A 279 -20.67 17.08 -28.34
CA GLN A 279 -19.79 17.98 -27.60
C GLN A 279 -20.54 18.67 -26.47
N VAL A 280 -21.59 19.42 -26.81
CA VAL A 280 -22.35 20.10 -25.76
C VAL A 280 -23.02 19.08 -24.85
N VAL A 281 -23.27 17.87 -25.35
CA VAL A 281 -23.88 16.84 -24.52
C VAL A 281 -22.98 16.52 -23.33
N ARG A 282 -21.75 16.09 -23.60
CA ARG A 282 -20.83 15.84 -22.49
C ARG A 282 -20.54 17.11 -21.71
N ARG A 283 -20.55 18.26 -22.38
CA ARG A 283 -20.39 19.52 -21.66
C ARG A 283 -21.40 19.64 -20.54
N GLU A 284 -22.69 19.59 -20.88
CA GLU A 284 -23.72 19.70 -19.86
C GLU A 284 -23.71 18.52 -18.90
N ILE A 285 -23.32 17.34 -19.38
CA ILE A 285 -23.22 16.19 -18.49
C ILE A 285 -22.25 16.50 -17.36
N ALA A 286 -21.01 16.83 -17.72
CA ALA A 286 -20.01 17.16 -16.71
C ALA A 286 -20.44 18.35 -15.88
N LYS A 287 -21.17 19.30 -16.46
CA LYS A 287 -21.67 20.42 -15.69
C LYS A 287 -22.59 19.95 -14.58
N ALA A 288 -23.59 19.13 -14.92
CA ALA A 288 -24.47 18.56 -13.93
C ALA A 288 -23.73 17.67 -12.94
N LEU A 289 -22.61 17.07 -13.36
CA LEU A 289 -21.84 16.23 -12.46
C LEU A 289 -21.14 17.08 -11.41
N SER A 290 -20.45 18.12 -11.84
CA SER A 290 -19.88 19.11 -10.94
C SER A 290 -20.95 19.61 -9.99
N LYS A 291 -22.12 19.94 -10.53
CA LYS A 291 -23.25 20.36 -9.71
C LYS A 291 -23.59 19.31 -8.67
N SER A 292 -23.56 18.04 -9.05
CA SER A 292 -23.86 16.96 -8.12
C SER A 292 -22.86 16.94 -6.97
N PHE A 293 -21.58 16.99 -7.28
CA PHE A 293 -20.52 17.00 -6.28
C PHE A 293 -19.21 17.32 -6.97
N THR A 294 -18.14 17.38 -6.19
CA THR A 294 -16.84 17.76 -6.73
C THR A 294 -16.08 16.55 -7.24
N MET A 295 -15.34 16.76 -8.32
CA MET A 295 -14.46 15.75 -8.89
C MET A 295 -13.08 16.34 -9.13
N HIS A 296 -12.09 15.47 -9.24
CA HIS A 296 -10.75 15.90 -9.63
C HIS A 296 -10.50 15.78 -11.12
N SER A 297 -10.90 14.67 -11.72
CA SER A 297 -10.78 14.49 -13.16
C SER A 297 -11.90 13.58 -13.63
N LEU A 298 -12.16 13.61 -14.93
CA LEU A 298 -13.25 12.82 -15.50
C LEU A 298 -13.11 12.82 -17.01
N THR A 299 -13.44 11.68 -17.61
CA THR A 299 -13.44 11.54 -19.06
C THR A 299 -14.63 10.70 -19.48
N ILE A 300 -15.13 10.96 -20.68
CA ILE A 300 -16.26 10.23 -21.25
C ILE A 300 -15.99 10.03 -22.74
N GLN A 301 -16.29 8.83 -23.24
CA GLN A 301 -16.00 8.53 -24.63
C GLN A 301 -17.14 8.91 -25.57
N MET A 302 -18.37 9.02 -25.05
CA MET A 302 -19.51 9.49 -25.82
C MET A 302 -19.69 8.67 -27.11
N GLU A 303 -19.95 7.39 -26.93
CA GLU A 303 -19.87 6.46 -28.03
C GLU A 303 -21.09 6.58 -28.95
N SER A 304 -21.07 5.76 -30.01
CA SER A 304 -21.97 5.84 -31.15
C SER A 304 -23.23 5.00 -30.91
N PRO A 305 -24.36 5.41 -31.49
CA PRO A 305 -25.59 4.62 -31.44
C PRO A 305 -25.42 3.28 -32.14
N VAL A 306 -21.99 2.41 -33.72
CA VAL A 306 -22.38 1.03 -33.50
C VAL A 306 -22.56 0.76 -32.02
N ASP A 307 -23.47 -0.16 -31.69
CA ASP A 307 -23.72 -0.55 -30.31
C ASP A 307 -23.88 -2.07 -30.29
N GLN A 308 -22.77 -2.76 -30.06
CA GLN A 308 -22.77 -4.22 -29.99
C GLN A 308 -23.17 -4.63 -28.57
N ASP A 309 -24.48 -4.58 -28.31
CA ASP A 309 -24.97 -4.74 -26.95
C ASP A 309 -24.71 -6.14 -26.40
N PRO A 310 -25.16 -7.22 -27.04
CA PRO A 310 -24.91 -8.54 -26.45
C PRO A 310 -23.44 -8.88 -26.40
N ASP A 311 -22.64 -8.33 -27.32
CA ASP A 311 -21.20 -8.52 -27.31
C ASP A 311 -20.48 -7.52 -26.42
N CYS A 312 -21.19 -6.57 -25.83
CA CYS A 312 -20.62 -5.67 -24.85
C CYS A 312 -20.45 -6.31 -23.49
N LEU A 313 -20.51 -7.64 -23.43
CA LEU A 313 -20.39 -8.34 -22.16
C LEU A 313 -19.10 -7.98 -21.42
N PHE A 314 -18.07 -7.54 -22.16
CA PHE A 314 -16.89 -7.01 -21.50
C PHE A 314 -17.17 -5.66 -20.84
N CYS A 315 -18.29 -5.02 -21.21
CA CYS A 315 -18.70 -3.76 -20.60
C CYS A 315 -20.20 -3.75 -20.31
N GLU A 316 -20.75 -4.90 -19.89
CA GLU A 316 -22.19 -5.00 -19.70
C GLU A 316 -22.65 -4.26 -18.45
N ASP A 317 -22.14 -4.63 -17.27
CA ASP A 317 -22.38 -3.86 -16.05
C ASP A 317 -21.45 -4.33 -14.94
N PRO A 318 -21.34 -3.60 -13.84
CA PRO A 318 -20.62 -4.14 -12.67
C PRO A 318 -21.40 -5.29 -12.06
N CYS A 319 -20.67 -6.31 -11.60
CA CYS A 319 -21.33 -7.48 -11.02
C CYS A 319 -22.06 -7.14 -9.73
N ASP A 320 -21.68 -6.04 -9.09
CA ASP A 320 -22.34 -5.57 -7.87
C ASP A 320 -22.32 -6.63 -6.76
N HIS B 3 -15.84 -1.59 -31.39
CA HIS B 3 -16.65 -1.76 -30.19
C HIS B 3 -15.72 -1.96 -28.98
N CYS B 4 -14.43 -1.70 -29.21
CA CYS B 4 -13.38 -1.79 -28.20
C CYS B 4 -13.53 -3.04 -27.33
N HIS B 5 -13.38 -4.19 -27.99
CA HIS B 5 -13.48 -5.48 -27.30
C HIS B 5 -12.61 -6.47 -28.06
N ALA B 15 -7.02 -17.03 -18.90
CA ALA B 15 -6.69 -18.42 -18.63
C ALA B 15 -5.67 -18.94 -19.64
N ASN B 16 -4.81 -18.04 -20.11
CA ASN B 16 -3.74 -18.45 -21.02
C ASN B 16 -2.40 -18.47 -20.30
N GLU B 17 -2.05 -17.40 -19.61
CA GLU B 17 -0.76 -17.31 -18.95
C GLU B 17 -0.84 -17.32 -17.43
N TYR B 18 -1.99 -16.97 -16.85
CA TYR B 18 -2.15 -17.11 -15.40
C TYR B 18 -2.26 -18.58 -15.01
N ALA B 19 -2.93 -19.38 -15.83
CA ALA B 19 -3.04 -20.81 -15.56
C ALA B 19 -1.69 -21.51 -15.54
N TYR B 20 -0.66 -20.89 -16.14
CA TYR B 20 0.68 -21.46 -16.08
C TYR B 20 1.23 -21.43 -14.66
N ALA B 21 0.55 -20.76 -13.74
CA ALA B 21 1.07 -20.58 -12.39
C ALA B 21 0.52 -21.63 -11.43
N LYS B 22 -0.51 -22.38 -11.83
CA LYS B 22 -1.06 -23.41 -10.95
C LYS B 22 -0.01 -24.48 -10.65
N TRP B 23 0.84 -24.78 -11.62
CA TRP B 23 1.90 -25.77 -11.44
C TRP B 23 3.19 -25.13 -10.93
N LYS B 24 3.13 -23.99 -10.24
CA LYS B 24 4.32 -23.32 -9.77
C LYS B 24 4.52 -23.42 -8.26
N LEU B 25 3.46 -23.23 -7.48
CA LEU B 25 3.58 -23.18 -6.03
C LEU B 25 2.71 -24.19 -5.29
N CYS B 26 1.58 -24.61 -5.89
CA CYS B 26 0.72 -25.60 -5.24
C CYS B 26 1.50 -26.85 -4.88
N SER B 27 2.47 -27.24 -5.73
CA SER B 27 3.41 -28.27 -5.36
C SER B 27 4.49 -27.71 -4.43
N ALA B 28 5.09 -26.59 -4.82
CA ALA B 28 6.17 -25.99 -4.04
C ALA B 28 5.74 -25.72 -2.60
N SER B 29 4.45 -25.41 -2.39
CA SER B 29 3.94 -25.25 -1.04
C SER B 29 4.15 -26.51 -0.22
N ALA B 30 3.68 -27.65 -0.75
CA ALA B 30 3.87 -28.92 -0.04
C ALA B 30 5.35 -29.25 0.09
N ILE B 31 6.17 -28.81 -0.86
CA ILE B 31 7.60 -29.09 -0.80
C ILE B 31 8.22 -28.37 0.39
N CYS B 32 8.01 -27.05 0.49
CA CYS B 32 8.53 -26.34 1.65
C CYS B 32 7.83 -26.77 2.93
N PHE B 33 6.65 -27.37 2.81
CA PHE B 33 6.00 -27.94 3.99
C PHE B 33 6.78 -29.15 4.50
N ILE B 34 7.10 -30.08 3.61
CA ILE B 34 7.96 -31.21 3.99
C ILE B 34 9.29 -30.68 4.53
N PHE B 35 9.80 -29.60 3.94
CA PHE B 35 11.00 -28.97 4.48
C PHE B 35 10.79 -28.53 5.92
N MET B 36 9.62 -27.99 6.21
CA MET B 36 9.26 -27.65 7.59
C MET B 36 9.12 -28.90 8.42
N VAL B 51 18.82 -27.07 17.39
CA VAL B 51 18.33 -26.99 16.03
C VAL B 51 16.87 -26.51 16.05
N VAL B 52 16.27 -26.53 17.24
CA VAL B 52 14.88 -26.11 17.38
C VAL B 52 14.72 -24.66 16.96
N THR B 53 15.67 -23.80 17.35
CA THR B 53 15.63 -22.41 16.91
C THR B 53 16.08 -22.28 15.46
N ASP B 54 16.77 -23.28 14.93
CA ASP B 54 17.20 -23.23 13.54
C ASP B 54 16.08 -23.59 12.60
N ALA B 55 15.10 -24.36 13.06
CA ALA B 55 13.94 -24.68 12.26
C ALA B 55 12.93 -23.53 12.20
N ALA B 56 13.31 -22.34 12.66
CA ALA B 56 12.38 -21.22 12.71
C ALA B 56 11.99 -20.77 11.30
N HIS B 57 12.97 -20.58 10.42
CA HIS B 57 12.68 -20.12 9.06
C HIS B 57 12.14 -21.22 8.16
N LEU B 58 11.74 -22.36 8.73
CA LEU B 58 11.17 -23.43 7.92
C LEU B 58 9.74 -23.11 7.49
N LEU B 59 9.20 -21.99 7.95
CA LEU B 59 7.82 -21.62 7.62
C LEU B 59 7.70 -20.27 6.96
N ILE B 60 8.74 -19.43 7.06
CA ILE B 60 8.68 -18.08 6.50
C ILE B 60 8.46 -18.14 5.00
N ASP B 61 8.96 -19.21 4.36
CA ASP B 61 8.77 -19.36 2.92
C ASP B 61 7.40 -19.98 2.62
N LEU B 62 7.04 -21.00 3.39
CA LEU B 62 5.77 -21.70 3.17
C LEU B 62 4.58 -20.76 3.27
N THR B 63 4.53 -19.97 4.36
CA THR B 63 3.43 -19.02 4.52
C THR B 63 3.41 -18.02 3.38
N SER B 64 4.57 -17.48 3.01
CA SER B 64 4.65 -16.51 1.94
C SER B 64 4.08 -17.06 0.64
N PHE B 65 4.45 -18.28 0.30
CA PHE B 65 4.05 -18.81 -1.00
C PHE B 65 2.59 -19.26 -0.97
N LEU B 66 2.10 -19.70 0.19
CA LEU B 66 0.67 -19.93 0.32
C LEU B 66 -0.11 -18.64 0.12
N LEU B 67 0.40 -17.54 0.66
CA LEU B 67 -0.27 -16.25 0.46
C LEU B 67 -0.15 -15.81 -1.01
N SER B 68 0.93 -16.21 -1.68
CA SER B 68 1.05 -15.94 -3.11
C SER B 68 -0.04 -16.67 -3.88
N LEU B 69 -0.25 -17.95 -3.55
CA LEU B 69 -1.35 -18.69 -4.15
C LEU B 69 -2.69 -18.06 -3.83
N PHE B 70 -2.84 -17.55 -2.61
CA PHE B 70 -4.03 -16.81 -2.24
C PHE B 70 -4.22 -15.62 -3.19
N SER B 71 -3.15 -14.87 -3.41
CA SER B 71 -3.19 -13.75 -4.34
C SER B 71 -3.59 -14.19 -5.74
N LEU B 72 -3.13 -15.37 -6.15
CA LEU B 72 -3.54 -15.90 -7.45
C LEU B 72 -5.04 -16.14 -7.48
N TRP B 73 -5.56 -16.78 -6.43
CA TRP B 73 -7.01 -17.03 -6.38
C TRP B 73 -7.77 -15.71 -6.37
N LEU B 74 -7.20 -14.67 -5.77
CA LEU B 74 -7.85 -13.35 -5.81
C LEU B 74 -7.77 -12.75 -7.20
N SER B 75 -6.69 -13.02 -7.93
CA SER B 75 -6.65 -12.63 -9.33
C SER B 75 -7.71 -13.35 -10.14
N SER B 76 -8.10 -14.55 -9.69
CA SER B 76 -9.18 -15.27 -10.34
C SER B 76 -10.55 -14.61 -10.12
N LYS B 77 -10.64 -13.66 -9.18
CA LYS B 77 -11.94 -13.13 -8.78
C LYS B 77 -12.57 -12.32 -9.92
N PRO B 78 -13.88 -12.11 -9.86
CA PRO B 78 -14.56 -11.30 -10.88
C PRO B 78 -14.63 -9.85 -10.45
N PRO B 79 -15.10 -8.95 -11.33
CA PRO B 79 -15.29 -7.55 -10.92
C PRO B 79 -16.52 -7.36 -10.04
N SER B 80 -16.81 -6.11 -9.69
CA SER B 80 -17.89 -5.81 -8.75
C SER B 80 -18.35 -4.38 -8.97
N LYS B 81 -19.12 -3.86 -8.01
CA LYS B 81 -19.56 -2.47 -8.07
C LYS B 81 -18.64 -1.57 -7.25
N ARG B 82 -18.41 -1.92 -5.98
CA ARG B 82 -17.43 -1.19 -5.19
C ARG B 82 -16.06 -1.25 -5.83
N LEU B 83 -15.60 -2.46 -6.16
CA LEU B 83 -14.37 -2.67 -6.90
C LEU B 83 -14.74 -2.87 -8.36
N THR B 84 -14.90 -1.75 -9.08
CA THR B 84 -15.30 -1.82 -10.48
C THR B 84 -14.29 -2.62 -11.31
N PHE B 85 -13.01 -2.39 -11.08
CA PHE B 85 -12.00 -3.09 -11.85
C PHE B 85 -11.80 -4.53 -11.38
N GLY B 86 -12.20 -4.85 -10.16
CA GLY B 86 -12.06 -6.20 -9.66
C GLY B 86 -11.18 -6.32 -8.43
N TRP B 87 -10.56 -7.49 -8.25
CA TRP B 87 -9.78 -7.76 -7.05
C TRP B 87 -8.34 -8.10 -7.42
N HIS B 88 -7.73 -7.28 -8.28
CA HIS B 88 -6.45 -7.60 -8.89
C HIS B 88 -5.26 -7.07 -8.09
N ARG B 89 -5.20 -5.74 -7.86
CA ARG B 89 -4.07 -5.17 -7.14
C ARG B 89 -3.92 -5.72 -5.73
N ALA B 90 -4.94 -6.41 -5.22
CA ALA B 90 -4.78 -7.14 -3.96
C ALA B 90 -3.59 -8.08 -4.03
N GLU B 91 -3.29 -8.58 -5.24
CA GLU B 91 -2.09 -9.40 -5.42
C GLU B 91 -0.83 -8.64 -5.03
N ILE B 92 -0.66 -7.43 -5.53
CA ILE B 92 0.51 -6.63 -5.14
C ILE B 92 0.45 -6.29 -3.66
N LEU B 93 -0.76 -6.06 -3.15
CA LEU B 93 -0.90 -5.79 -1.73
C LEU B 93 -0.31 -6.93 -0.90
N GLY B 94 -0.75 -8.16 -1.16
CA GLY B 94 -0.20 -9.29 -0.44
C GLY B 94 1.27 -9.51 -0.70
N ALA B 95 1.72 -9.25 -1.94
CA ALA B 95 3.13 -9.35 -2.26
C ALA B 95 3.95 -8.45 -1.34
N LEU B 96 3.59 -7.18 -1.28
CA LEU B 96 4.34 -6.24 -0.45
C LEU B 96 4.20 -6.58 1.03
N LEU B 97 3.06 -7.15 1.43
CA LEU B 97 2.97 -7.64 2.81
C LEU B 97 4.02 -8.70 3.08
N SER B 98 4.14 -9.67 2.17
CA SER B 98 5.18 -10.68 2.29
C SER B 98 6.56 -10.04 2.33
N ILE B 99 6.77 -9.01 1.54
CA ILE B 99 8.08 -8.35 1.50
C ILE B 99 8.34 -7.64 2.83
N LEU B 100 7.29 -7.10 3.45
CA LEU B 100 7.45 -6.48 4.75
C LEU B 100 7.77 -7.52 5.82
N CYS B 101 7.15 -8.70 5.72
CA CYS B 101 7.54 -9.77 6.62
C CYS B 101 8.98 -10.21 6.38
N ILE B 102 9.44 -10.09 5.14
CA ILE B 102 10.84 -10.36 4.83
C ILE B 102 11.74 -9.34 5.52
N TRP B 103 11.41 -8.05 5.35
CA TRP B 103 12.04 -6.99 6.11
C TRP B 103 12.09 -7.34 7.59
N VAL B 104 11.00 -7.89 8.11
CA VAL B 104 10.94 -8.23 9.53
C VAL B 104 11.96 -9.30 9.86
N VAL B 105 11.86 -10.46 9.21
CA VAL B 105 12.72 -11.59 9.55
C VAL B 105 14.19 -11.23 9.36
N THR B 106 14.49 -10.38 8.38
CA THR B 106 15.86 -9.91 8.21
C THR B 106 16.35 -9.21 9.47
N GLY B 107 15.64 -8.16 9.88
CA GLY B 107 16.00 -7.47 11.11
C GLY B 107 16.06 -8.38 12.32
N VAL B 108 15.21 -9.41 12.34
CA VAL B 108 15.31 -10.43 13.39
C VAL B 108 16.69 -11.05 13.40
N LEU B 109 17.09 -11.59 12.24
CA LEU B 109 18.42 -12.21 12.13
C LEU B 109 19.51 -11.22 12.50
N VAL B 110 19.33 -9.95 12.12
CA VAL B 110 20.32 -8.92 12.45
C VAL B 110 20.42 -8.75 13.96
N TYR B 111 19.28 -8.71 14.64
CA TYR B 111 19.29 -8.61 16.08
C TYR B 111 20.01 -9.79 16.71
N LEU B 112 19.71 -11.00 16.23
CA LEU B 112 20.42 -12.18 16.71
C LEU B 112 21.92 -12.02 16.54
N ALA B 113 22.34 -11.57 15.36
CA ALA B 113 23.77 -11.50 15.06
C ALA B 113 24.47 -10.45 15.90
N CYS B 114 23.85 -9.28 16.05
CA CYS B 114 24.50 -8.23 16.84
C CYS B 114 24.53 -8.58 18.31
N GLU B 115 23.49 -9.25 18.81
CA GLU B 115 23.49 -9.71 20.19
C GLU B 115 24.58 -10.76 20.42
N ARG B 116 24.66 -11.74 19.52
CA ARG B 116 25.69 -12.76 19.66
C ARG B 116 27.08 -12.20 19.42
N LEU B 117 27.19 -11.04 18.78
CA LEU B 117 28.44 -10.28 18.79
C LEU B 117 28.69 -9.70 20.18
N LEU B 118 27.66 -9.06 20.74
CA LEU B 118 27.72 -8.59 22.13
C LEU B 118 27.90 -9.74 23.10
N TYR B 119 27.35 -10.91 22.77
CA TYR B 119 27.51 -12.13 23.57
C TYR B 119 28.35 -13.12 22.77
N PRO B 120 29.65 -12.88 22.64
CA PRO B 120 30.48 -13.74 21.77
C PRO B 120 30.60 -15.16 22.26
N ASP B 121 29.97 -15.52 23.38
CA ASP B 121 30.07 -16.87 23.92
C ASP B 121 28.82 -17.65 23.58
N TYR B 122 29.00 -18.79 22.94
CA TYR B 122 27.91 -19.66 22.51
C TYR B 122 28.50 -20.98 22.08
N GLN B 123 27.81 -22.07 22.39
CA GLN B 123 28.35 -23.40 22.13
C GLN B 123 27.32 -24.25 21.42
N ILE B 124 27.73 -24.83 20.29
CA ILE B 124 26.90 -25.78 19.56
C ILE B 124 27.81 -26.50 18.58
N GLN B 125 27.48 -27.76 18.30
CA GLN B 125 28.25 -28.54 17.35
C GLN B 125 28.25 -27.85 15.99
N ALA B 126 29.43 -27.68 15.41
CA ALA B 126 29.61 -26.85 14.22
C ALA B 126 29.18 -27.53 12.93
N THR B 127 28.63 -28.74 13.00
CA THR B 127 28.16 -29.39 11.79
C THR B 127 26.72 -29.85 11.90
N VAL B 128 26.18 -29.99 13.12
CA VAL B 128 24.79 -30.38 13.27
C VAL B 128 23.87 -29.41 12.52
N MET B 129 24.24 -28.14 12.47
CA MET B 129 23.54 -27.20 11.61
C MET B 129 23.96 -27.35 10.15
N ILE B 130 25.23 -27.67 9.92
CA ILE B 130 25.69 -27.94 8.56
C ILE B 130 24.94 -29.14 7.98
N ILE B 131 24.88 -30.24 8.72
CA ILE B 131 24.27 -31.46 8.21
C ILE B 131 22.78 -31.29 7.97
N VAL B 132 22.15 -30.29 8.58
CA VAL B 132 20.75 -30.04 8.27
C VAL B 132 20.61 -28.94 7.23
N SER B 133 21.61 -28.07 7.13
CA SER B 133 21.66 -27.17 5.98
C SER B 133 22.07 -27.91 4.71
N SER B 134 22.58 -29.13 4.85
CA SER B 134 22.91 -29.95 3.71
C SER B 134 21.72 -30.11 2.79
N CYS B 135 20.61 -30.64 3.31
CA CYS B 135 19.39 -30.73 2.51
C CYS B 135 18.86 -29.35 2.16
N ALA B 136 19.07 -28.37 3.04
CA ALA B 136 18.46 -27.05 2.86
C ALA B 136 18.92 -26.39 1.57
N VAL B 137 20.25 -26.32 1.36
CA VAL B 137 20.75 -25.72 0.13
C VAL B 137 20.18 -26.43 -1.09
N ALA B 138 20.11 -27.76 -1.03
CA ALA B 138 19.42 -28.50 -2.08
C ALA B 138 17.92 -28.24 -2.03
N ALA B 139 17.36 -28.17 -0.82
CA ALA B 139 15.93 -27.92 -0.68
C ALA B 139 15.53 -26.62 -1.37
N ASN B 140 16.22 -25.52 -1.04
CA ASN B 140 15.85 -24.22 -1.59
C ASN B 140 16.10 -24.17 -3.10
N ILE B 141 17.26 -24.61 -3.55
CA ILE B 141 17.65 -24.40 -4.94
C ILE B 141 16.72 -25.16 -5.88
N VAL B 142 16.12 -26.25 -5.40
CA VAL B 142 15.15 -26.98 -6.21
C VAL B 142 13.97 -26.08 -6.57
N LEU B 143 13.39 -25.44 -5.56
CA LEU B 143 12.21 -24.61 -5.81
C LEU B 143 12.60 -23.25 -6.38
N THR B 144 13.84 -22.80 -6.15
CA THR B 144 14.21 -21.44 -6.52
C THR B 144 14.39 -21.29 -8.03
N VAL B 145 15.36 -22.02 -8.59
CA VAL B 145 15.73 -21.77 -9.99
C VAL B 145 14.79 -22.52 -10.94
N VAL B 146 14.05 -23.50 -10.43
CA VAL B 146 12.95 -24.04 -11.24
C VAL B 146 11.87 -22.99 -11.42
N LEU B 147 11.65 -22.17 -10.39
CA LEU B 147 10.75 -21.02 -10.50
C LEU B 147 11.38 -19.84 -11.22
N HIS B 148 12.55 -20.02 -11.82
CA HIS B 148 13.19 -18.93 -12.56
C HIS B 148 12.53 -18.77 -13.92
N GLN B 149 12.59 -17.56 -14.46
CA GLN B 149 11.98 -17.25 -15.74
C GLN B 149 12.76 -17.88 -16.89
N ARG B 150 12.20 -17.77 -18.08
CA ARG B 150 12.83 -18.32 -19.28
C ARG B 150 13.50 -17.22 -20.09
N ALA B 161 5.26 -13.18 -17.14
CA ALA B 161 6.28 -12.67 -16.22
C ALA B 161 5.65 -11.94 -15.05
N ASN B 162 4.61 -12.54 -14.47
CA ASN B 162 3.91 -11.93 -13.36
C ASN B 162 4.84 -11.77 -12.16
N ALA B 163 4.93 -10.54 -11.65
CA ALA B 163 5.77 -10.28 -10.48
C ALA B 163 5.34 -11.13 -9.29
N SER B 164 4.07 -11.53 -9.25
CA SER B 164 3.60 -12.45 -8.22
C SER B 164 4.51 -13.66 -8.11
N VAL B 165 4.81 -14.29 -9.24
CA VAL B 165 5.78 -15.39 -9.24
C VAL B 165 7.15 -14.89 -8.82
N ARG B 166 7.58 -13.76 -9.38
CA ARG B 166 8.91 -13.24 -9.10
C ARG B 166 9.07 -12.87 -7.63
N ALA B 167 8.01 -12.33 -7.02
CA ALA B 167 8.07 -12.02 -5.60
C ALA B 167 8.36 -13.26 -4.77
N ALA B 168 7.67 -14.36 -5.08
CA ALA B 168 7.99 -15.62 -4.43
C ALA B 168 9.39 -16.10 -4.79
N PHE B 169 9.82 -15.85 -6.03
CA PHE B 169 11.15 -16.31 -6.46
C PHE B 169 12.25 -15.62 -5.67
N VAL B 170 12.18 -14.28 -5.58
CA VAL B 170 13.21 -13.57 -4.83
C VAL B 170 13.17 -13.93 -3.36
N HIS B 171 12.01 -14.33 -2.84
CA HIS B 171 11.98 -14.93 -1.51
C HIS B 171 12.72 -16.26 -1.51
N ALA B 172 12.35 -17.14 -2.44
CA ALA B 172 13.08 -18.39 -2.61
C ALA B 172 14.57 -18.13 -2.83
N LEU B 173 14.89 -17.22 -3.74
CA LEU B 173 16.27 -16.80 -3.90
C LEU B 173 16.81 -16.19 -2.61
N GLY B 174 15.94 -15.56 -1.83
CA GLY B 174 16.37 -14.97 -0.57
C GLY B 174 16.76 -16.04 0.45
N ASP B 175 15.83 -16.93 0.78
CA ASP B 175 16.13 -17.96 1.76
C ASP B 175 17.24 -18.91 1.29
N LEU B 176 17.55 -18.92 0.00
CA LEU B 176 18.73 -19.64 -0.47
C LEU B 176 19.97 -19.11 0.23
N PHE B 177 20.00 -17.82 0.54
CA PHE B 177 21.10 -17.26 1.30
C PHE B 177 21.11 -17.81 2.72
N GLN B 178 19.93 -17.90 3.35
CA GLN B 178 19.80 -18.53 4.66
C GLN B 178 20.34 -19.96 4.61
N SER B 179 20.16 -20.64 3.48
CA SER B 179 20.68 -21.99 3.33
C SER B 179 22.21 -21.99 3.36
N ILE B 180 22.83 -20.94 2.83
CA ILE B 180 24.29 -20.88 2.81
C ILE B 180 24.85 -19.88 3.82
N SER B 181 23.99 -19.20 4.58
CA SER B 181 24.49 -18.22 5.55
C SER B 181 25.32 -18.88 6.63
N VAL B 182 24.95 -20.10 7.03
CA VAL B 182 25.67 -20.80 8.09
C VAL B 182 26.39 -22.04 7.58
N LEU B 183 25.96 -22.63 6.48
CA LEU B 183 26.58 -23.86 5.98
C LEU B 183 28.08 -23.67 5.78
N ILE B 184 28.46 -22.71 4.95
CA ILE B 184 29.88 -22.49 4.71
C ILE B 184 30.51 -21.72 5.86
N SER B 185 29.77 -20.75 6.42
CA SER B 185 30.36 -19.86 7.41
C SER B 185 30.59 -20.56 8.74
N ALA B 186 30.04 -21.76 8.93
CA ALA B 186 30.32 -22.50 10.16
C ALA B 186 31.48 -23.48 9.98
N LEU B 187 31.81 -23.82 8.73
CA LEU B 187 32.90 -24.75 8.48
C LEU B 187 34.20 -24.27 9.09
N ILE B 188 34.42 -22.95 9.08
CA ILE B 188 35.62 -22.39 9.69
C ILE B 188 35.64 -22.70 11.19
N ILE B 189 34.53 -22.47 11.88
CA ILE B 189 34.40 -22.91 13.27
C ILE B 189 34.72 -24.39 13.37
N TYR B 190 34.17 -25.19 12.47
CA TYR B 190 34.45 -26.61 12.45
C TYR B 190 35.92 -26.89 12.17
N PHE B 191 36.58 -25.98 11.45
CA PHE B 191 37.99 -26.17 11.12
C PHE B 191 38.92 -25.31 11.96
N LYS B 192 38.69 -24.00 12.01
CA LYS B 192 39.55 -23.09 12.77
C LYS B 192 38.67 -22.14 13.54
N PRO B 193 38.28 -22.49 14.77
CA PRO B 193 37.45 -21.60 15.57
C PRO B 193 38.20 -20.41 16.13
N GLU B 194 39.45 -20.20 15.72
CA GLU B 194 40.17 -19.00 16.14
C GLU B 194 39.53 -17.73 15.62
N TYR B 195 38.56 -17.85 14.72
CA TYR B 195 37.78 -16.70 14.25
C TYR B 195 36.35 -16.77 14.76
N LYS B 196 35.65 -17.88 14.48
CA LYS B 196 34.49 -18.30 15.24
C LYS B 196 33.25 -17.42 14.99
N ILE B 197 33.43 -16.30 14.30
CA ILE B 197 32.33 -15.36 14.13
C ILE B 197 32.12 -15.07 12.65
N ALA B 198 32.43 -16.04 11.80
CA ALA B 198 32.14 -15.88 10.38
C ALA B 198 30.66 -15.97 10.07
N ASP B 199 29.86 -16.55 10.96
CA ASP B 199 28.42 -16.60 10.74
C ASP B 199 27.83 -15.20 10.80
N PRO B 200 28.21 -14.35 11.78
CA PRO B 200 27.72 -12.96 11.75
C PRO B 200 27.91 -12.26 10.42
N ILE B 201 29.14 -12.23 9.88
CA ILE B 201 29.41 -11.45 8.69
C ILE B 201 28.69 -12.03 7.48
N CYS B 202 28.59 -13.36 7.41
CA CYS B 202 27.93 -13.99 6.29
C CYS B 202 26.43 -13.72 6.31
N THR B 203 25.82 -13.85 7.50
CA THR B 203 24.43 -13.44 7.67
C THR B 203 24.24 -11.98 7.27
N PHE B 204 25.15 -11.12 7.71
CA PHE B 204 25.11 -9.70 7.36
C PHE B 204 25.03 -9.51 5.85
N ILE B 205 26.02 -10.05 5.14
CA ILE B 205 26.12 -9.80 3.71
C ILE B 205 24.93 -10.40 2.97
N PHE B 206 24.48 -11.58 3.42
CA PHE B 206 23.34 -12.21 2.76
C PHE B 206 22.07 -11.42 2.95
N SER B 207 21.79 -10.98 4.17
CA SER B 207 20.62 -10.14 4.41
C SER B 207 20.70 -8.85 3.60
N ILE B 208 21.90 -8.26 3.54
CA ILE B 208 22.09 -7.03 2.77
C ILE B 208 21.75 -7.25 1.31
N LEU B 209 22.22 -8.38 0.76
CA LEU B 209 21.94 -8.67 -0.65
C LEU B 209 20.47 -8.97 -0.87
N VAL B 210 19.81 -9.60 0.10
CA VAL B 210 18.36 -9.79 0.01
C VAL B 210 17.66 -8.44 -0.06
N LEU B 211 18.11 -7.50 0.76
CA LEU B 211 17.50 -6.17 0.74
C LEU B 211 17.77 -5.45 -0.58
N ALA B 212 18.97 -5.60 -1.11
CA ALA B 212 19.29 -5.02 -2.41
C ALA B 212 18.42 -5.62 -3.50
N SER B 213 18.10 -6.91 -3.38
CA SER B 213 17.14 -7.51 -4.28
C SER B 213 15.76 -6.87 -4.11
N THR B 214 15.35 -6.66 -2.86
CA THR B 214 14.03 -6.10 -2.61
C THR B 214 13.87 -4.72 -3.26
N ILE B 215 14.82 -3.83 -3.03
CA ILE B 215 14.62 -2.39 -3.28
C ILE B 215 14.01 -2.15 -4.66
N THR B 216 14.48 -2.90 -5.65
CA THR B 216 14.03 -2.70 -7.03
C THR B 216 12.53 -2.94 -7.16
N ILE B 217 12.11 -4.17 -6.85
CA ILE B 217 10.70 -4.50 -6.97
C ILE B 217 9.87 -3.70 -5.99
N LEU B 218 10.47 -3.30 -4.87
CA LEU B 218 9.79 -2.39 -3.94
C LEU B 218 9.37 -1.12 -4.65
N LYS B 219 10.35 -0.39 -5.21
CA LYS B 219 10.03 0.85 -5.90
C LYS B 219 9.13 0.59 -7.10
N ASP B 220 9.26 -0.57 -7.73
CA ASP B 220 8.39 -0.90 -8.85
C ASP B 220 6.94 -0.97 -8.41
N PHE B 221 6.63 -1.90 -7.50
CA PHE B 221 5.30 -2.02 -6.92
C PHE B 221 4.78 -0.69 -6.45
N SER B 222 5.63 0.11 -5.81
CA SER B 222 5.23 1.45 -5.38
C SER B 222 4.62 2.22 -6.54
N ILE B 223 5.41 2.45 -7.59
CA ILE B 223 4.96 3.32 -8.68
C ILE B 223 3.75 2.70 -9.38
N LEU B 224 3.63 1.38 -9.33
CA LEU B 224 2.40 0.76 -9.80
C LEU B 224 1.21 1.24 -8.98
N LEU B 225 1.22 0.96 -7.68
CA LEU B 225 0.13 1.41 -6.82
C LEU B 225 0.11 2.93 -6.71
N MET B 226 1.24 3.59 -6.98
CA MET B 226 1.34 5.04 -6.94
C MET B 226 0.69 5.70 -8.15
N GLU B 227 -0.09 4.95 -8.92
CA GLU B 227 -0.75 5.44 -10.13
C GLU B 227 0.25 5.89 -11.18
N GLY B 228 1.52 5.59 -10.99
CA GLY B 228 2.51 5.92 -11.98
C GLY B 228 2.42 5.01 -13.20
N VAL B 229 2.79 5.57 -14.36
CA VAL B 229 2.68 4.85 -15.62
C VAL B 229 3.62 3.66 -15.57
N PRO B 230 3.36 2.59 -16.32
CA PRO B 230 4.25 1.43 -16.28
C PRO B 230 5.63 1.74 -16.84
N LYS B 231 6.62 1.01 -16.33
CA LYS B 231 8.00 1.24 -16.73
C LYS B 231 8.19 0.99 -18.23
N SER B 232 7.58 -0.07 -18.74
CA SER B 232 7.79 -0.46 -20.13
C SER B 232 7.28 0.57 -21.13
N LEU B 233 6.66 1.64 -20.67
CA LEU B 233 6.06 2.61 -21.56
C LEU B 233 6.73 3.96 -21.43
N ASN B 234 6.63 4.74 -22.52
CA ASN B 234 7.19 6.08 -22.60
C ASN B 234 6.02 7.00 -22.88
N TYR B 235 5.61 7.77 -21.87
CA TYR B 235 4.54 8.75 -22.03
C TYR B 235 4.71 9.56 -23.30
N SER B 236 5.88 10.17 -23.47
CA SER B 236 6.17 10.93 -24.68
C SER B 236 6.10 10.04 -25.91
N GLY B 237 6.56 8.79 -25.79
CA GLY B 237 6.44 7.86 -26.90
C GLY B 237 4.99 7.66 -27.30
N VAL B 238 4.12 7.40 -26.31
CA VAL B 238 2.69 7.31 -26.61
C VAL B 238 2.18 8.61 -27.19
N LYS B 239 2.74 9.74 -26.76
CA LYS B 239 2.33 11.01 -27.33
C LYS B 239 2.60 11.07 -28.82
N GLU B 240 3.79 10.63 -29.23
CA GLU B 240 4.09 10.57 -30.65
C GLU B 240 3.19 9.57 -31.36
N LEU B 241 2.87 8.46 -30.69
CA LEU B 241 1.93 7.51 -31.26
C LEU B 241 0.59 8.19 -31.55
N ILE B 242 0.14 9.03 -30.63
CA ILE B 242 -1.10 9.77 -30.83
C ILE B 242 -0.94 10.73 -32.00
N LEU B 243 0.03 11.64 -31.90
CA LEU B 243 0.25 12.66 -32.91
C LEU B 243 0.57 12.08 -34.28
N ALA B 244 0.81 10.78 -34.39
CA ALA B 244 0.99 10.13 -35.68
C ALA B 244 -0.26 10.15 -36.53
N VAL B 245 -1.39 10.65 -36.01
CA VAL B 245 -2.64 10.71 -36.75
C VAL B 245 -2.87 12.14 -37.21
N ASP B 246 -3.41 12.28 -38.42
CA ASP B 246 -3.77 13.59 -38.94
C ASP B 246 -4.83 14.24 -38.05
N GLY B 247 -5.75 13.44 -37.52
CA GLY B 247 -6.85 13.99 -36.76
C GLY B 247 -6.43 14.81 -35.56
N VAL B 248 -5.57 14.25 -34.72
CA VAL B 248 -5.19 14.92 -33.48
C VAL B 248 -4.52 16.24 -33.77
N LEU B 249 -5.02 17.30 -33.14
CA LEU B 249 -4.38 18.61 -33.20
C LEU B 249 -3.72 19.00 -31.89
N SER B 250 -4.15 18.41 -30.78
CA SER B 250 -3.60 18.67 -29.46
C SER B 250 -4.21 17.69 -28.49
N VAL B 251 -3.54 17.47 -27.37
CA VAL B 251 -3.98 16.54 -26.34
C VAL B 251 -3.61 17.11 -24.98
N HIS B 252 -4.59 17.17 -24.08
CA HIS B 252 -4.33 17.55 -22.70
C HIS B 252 -5.06 16.59 -21.78
N SER B 253 -4.76 16.70 -20.49
CA SER B 253 -5.36 15.84 -19.47
C SER B 253 -5.14 14.37 -19.79
N LEU B 254 -3.96 14.06 -20.31
CA LEU B 254 -3.64 12.67 -20.61
C LEU B 254 -3.26 11.95 -19.32
N HIS B 255 -3.77 10.74 -19.15
CA HIS B 255 -3.40 9.91 -18.01
C HIS B 255 -3.45 8.47 -18.47
N ILE B 256 -2.32 7.78 -18.40
CA ILE B 256 -2.28 6.39 -18.78
C ILE B 256 -1.42 5.59 -17.80
N TRP B 257 -2.07 4.95 -16.84
CA TRP B 257 -1.41 4.08 -15.88
C TRP B 257 -1.93 2.66 -16.09
N SER B 258 -1.38 1.72 -15.33
CA SER B 258 -1.65 0.32 -15.55
C SER B 258 -2.19 -0.33 -14.29
N LEU B 259 -2.83 -1.48 -14.49
CA LEU B 259 -3.20 -2.39 -13.42
C LEU B 259 -1.98 -3.22 -13.04
N THR B 260 -2.22 -4.33 -12.36
CA THR B 260 -1.17 -5.11 -11.72
C THR B 260 0.09 -5.29 -12.57
N MET B 261 -0.01 -6.02 -13.67
CA MET B 261 1.18 -6.37 -14.43
C MET B 261 1.20 -5.79 -15.84
N ASN B 262 0.20 -6.11 -16.66
CA ASN B 262 0.21 -5.68 -18.05
C ASN B 262 -1.17 -5.22 -18.49
N GLN B 263 -1.90 -4.57 -17.60
CA GLN B 263 -3.29 -4.17 -17.85
C GLN B 263 -3.32 -2.66 -17.70
N VAL B 264 -3.31 -1.96 -18.81
CA VAL B 264 -3.11 -0.52 -18.82
C VAL B 264 -4.42 0.19 -19.09
N ILE B 265 -4.60 1.34 -18.46
CA ILE B 265 -5.80 2.16 -18.62
C ILE B 265 -5.37 3.49 -19.22
N LEU B 266 -6.19 4.02 -20.13
CA LEU B 266 -5.81 5.21 -20.88
C LEU B 266 -6.93 6.23 -20.81
N SER B 267 -6.53 7.49 -20.58
CA SER B 267 -7.46 8.61 -20.61
C SER B 267 -6.70 9.84 -21.09
N ALA B 268 -7.36 10.63 -21.94
CA ALA B 268 -6.78 11.85 -22.47
C ALA B 268 -7.86 12.62 -23.23
N HIS B 269 -7.65 13.92 -23.37
CA HIS B 269 -8.50 14.78 -24.19
C HIS B 269 -7.82 15.00 -25.53
N VAL B 270 -8.61 15.26 -26.56
CA VAL B 270 -8.06 15.51 -27.89
C VAL B 270 -9.00 16.42 -28.66
N ALA B 271 -8.43 17.37 -29.39
CA ALA B 271 -9.17 18.22 -30.31
C ALA B 271 -8.70 17.94 -31.73
N THR B 272 -9.64 17.80 -32.64
CA THR B 272 -9.35 17.50 -34.04
C THR B 272 -9.98 18.56 -34.94
N ALA B 273 -9.85 18.34 -36.25
CA ALA B 273 -10.52 19.20 -37.21
C ALA B 273 -12.03 19.06 -37.05
N ALA B 274 -12.70 20.19 -36.82
CA ALA B 274 -14.15 20.17 -36.64
C ALA B 274 -14.86 19.53 -37.82
N SER B 275 -14.25 19.58 -39.00
CA SER B 275 -14.85 18.99 -40.18
C SER B 275 -14.96 17.47 -40.10
N ARG B 276 -14.18 16.83 -39.24
CA ARG B 276 -14.04 15.39 -39.25
C ARG B 276 -15.01 14.73 -38.29
N ASP B 277 -15.38 13.49 -38.60
CA ASP B 277 -16.30 12.71 -37.77
C ASP B 277 -15.54 12.05 -36.63
N SER B 278 -15.76 12.56 -35.42
CA SER B 278 -15.10 12.01 -34.23
C SER B 278 -15.22 10.50 -34.17
N GLN B 279 -16.40 9.97 -34.46
CA GLN B 279 -16.65 8.54 -34.32
C GLN B 279 -15.65 7.71 -35.11
N VAL B 280 -15.60 7.91 -36.42
CA VAL B 280 -14.60 7.23 -37.22
C VAL B 280 -13.20 7.69 -36.81
N VAL B 281 -13.06 8.96 -36.42
CA VAL B 281 -11.78 9.46 -35.96
C VAL B 281 -11.32 8.65 -34.75
N ARG B 282 -12.12 8.64 -33.69
CA ARG B 282 -11.72 7.93 -32.47
C ARG B 282 -11.54 6.45 -32.72
N ARG B 283 -12.36 5.88 -33.63
CA ARG B 283 -12.17 4.48 -33.98
C ARG B 283 -10.79 4.25 -34.56
N GLU B 284 -10.37 5.11 -35.49
CA GLU B 284 -9.03 4.99 -36.06
C GLU B 284 -7.96 5.22 -35.00
N ILE B 285 -8.21 6.14 -34.07
CA ILE B 285 -7.26 6.39 -33.00
C ILE B 285 -7.04 5.11 -32.20
N ALA B 286 -8.12 4.54 -31.70
CA ALA B 286 -8.05 3.30 -30.95
C ALA B 286 -7.38 2.21 -31.76
N LYS B 287 -7.66 2.16 -33.07
CA LYS B 287 -6.99 1.21 -33.94
C LYS B 287 -5.48 1.38 -33.86
N ALA B 288 -5.02 2.63 -33.97
CA ALA B 288 -3.59 2.91 -33.94
C ALA B 288 -2.99 2.55 -32.60
N LEU B 289 -3.71 2.87 -31.52
CA LEU B 289 -3.21 2.56 -30.18
C LEU B 289 -3.09 1.06 -29.97
N SER B 290 -4.08 0.29 -30.42
CA SER B 290 -3.99 -1.16 -30.37
C SER B 290 -2.81 -1.66 -31.18
N LYS B 291 -2.73 -1.27 -32.45
CA LYS B 291 -1.65 -1.75 -33.31
C LYS B 291 -0.28 -1.25 -32.85
N SER B 292 -0.24 -0.31 -31.91
CA SER B 292 1.03 0.07 -31.31
C SER B 292 1.49 -1.00 -30.34
N PHE B 293 0.65 -1.35 -29.36
CA PHE B 293 0.95 -2.36 -28.37
C PHE B 293 -0.33 -2.66 -27.60
N THR B 294 -0.22 -3.46 -26.55
CA THR B 294 -1.39 -3.94 -25.82
C THR B 294 -2.08 -2.83 -25.05
N MET B 295 -3.39 -2.99 -24.87
CA MET B 295 -4.17 -2.12 -24.01
C MET B 295 -5.08 -2.96 -23.13
N HIS B 296 -5.72 -2.31 -22.17
CA HIS B 296 -6.73 -2.99 -21.36
C HIS B 296 -8.03 -2.19 -21.33
N SER B 297 -7.91 -0.87 -21.29
CA SER B 297 -9.08 0.00 -21.16
C SER B 297 -8.73 1.41 -21.61
N LEU B 298 -9.54 2.01 -22.46
CA LEU B 298 -9.18 3.28 -23.08
C LEU B 298 -10.38 4.21 -23.08
N THR B 299 -10.15 5.46 -22.68
CA THR B 299 -11.16 6.48 -22.74
C THR B 299 -10.57 7.71 -23.40
N ILE B 300 -11.36 8.40 -24.22
CA ILE B 300 -10.91 9.57 -24.95
C ILE B 300 -12.03 10.60 -24.94
N GLN B 301 -11.69 11.83 -24.53
CA GLN B 301 -12.71 12.87 -24.41
C GLN B 301 -13.14 13.41 -25.77
N MET B 302 -12.23 13.43 -26.75
CA MET B 302 -12.53 13.90 -28.10
C MET B 302 -13.10 15.32 -28.06
N GLU B 303 -12.30 16.24 -27.52
CA GLU B 303 -12.74 17.61 -27.37
C GLU B 303 -12.74 18.33 -28.71
N SER B 304 -13.01 19.63 -28.67
CA SER B 304 -13.18 20.46 -29.85
C SER B 304 -12.01 21.40 -30.04
N PRO B 305 -11.65 21.74 -31.29
CA PRO B 305 -10.52 22.63 -31.57
C PRO B 305 -10.78 24.06 -31.13
N VAL B 306 -14.83 24.39 -28.92
CA VAL B 306 -13.42 24.71 -29.13
C VAL B 306 -12.61 24.33 -27.92
N ASP B 307 -11.42 24.91 -27.80
CA ASP B 307 -10.55 24.71 -26.64
C ASP B 307 -9.72 25.96 -26.42
N GLN B 308 -9.15 26.05 -25.21
CA GLN B 308 -8.47 27.27 -24.75
C GLN B 308 -7.09 26.91 -24.23
N ASP B 309 -6.10 26.99 -25.13
CA ASP B 309 -4.71 26.75 -24.75
C ASP B 309 -4.21 27.69 -23.66
N PRO B 310 -4.37 29.02 -23.77
CA PRO B 310 -3.68 29.92 -22.83
C PRO B 310 -3.99 29.67 -21.36
N ASP B 311 -5.05 28.93 -21.04
CA ASP B 311 -5.36 28.62 -19.66
C ASP B 311 -5.62 27.13 -19.42
N CYS B 312 -5.27 26.28 -20.38
CA CYS B 312 -5.28 24.83 -20.22
C CYS B 312 -4.14 24.33 -19.31
N LEU B 313 -3.40 25.31 -18.77
CA LEU B 313 -2.26 25.03 -17.91
C LEU B 313 -2.61 24.04 -16.81
N PHE B 314 -3.87 24.04 -16.36
CA PHE B 314 -4.32 23.06 -15.37
C PHE B 314 -3.92 21.65 -15.77
N CYS B 315 -3.96 21.33 -17.06
CA CYS B 315 -3.36 20.12 -17.60
C CYS B 315 -2.45 20.48 -18.76
N GLU B 316 -1.61 21.49 -18.55
CA GLU B 316 -0.65 21.94 -19.56
C GLU B 316 0.18 20.79 -20.11
N ASP B 317 0.98 20.15 -19.27
CA ASP B 317 1.86 19.07 -19.68
C ASP B 317 2.54 18.49 -18.45
N PRO B 318 2.89 17.20 -18.46
CA PRO B 318 3.67 16.64 -17.35
C PRO B 318 5.04 17.29 -17.29
N CYS B 319 5.42 17.75 -16.10
CA CYS B 319 6.72 18.40 -15.93
C CYS B 319 7.86 17.49 -16.33
N ASP B 320 7.65 16.18 -16.27
CA ASP B 320 8.59 15.20 -16.79
C ASP B 320 9.95 15.32 -16.11
ZN ZN C . -18.86 -4.24 -24.89
ZN ZN D . -9.70 18.90 -20.63
ZN ZN E . -17.25 0.51 -25.52
ZN ZN F . -6.62 22.06 -20.21
#